data_6Y9P
#
_entry.id   6Y9P
#
_cell.length_a   76.880
_cell.length_b   81.030
_cell.length_c   111.120
_cell.angle_alpha   90.000
_cell.angle_beta   90.000
_cell.angle_gamma   90.000
#
_symmetry.space_group_name_H-M   'P 21 21 21'
#
loop_
_entity.id
_entity.type
_entity.pdbx_description
1 polymer Whirlin
2 polymer 'Harmonin a1'
3 water water
#
loop_
_entity_poly.entity_id
_entity_poly.type
_entity_poly.pdbx_seq_one_letter_code
_entity_poly.pdbx_strand_id
1 'polypeptide(L)'
;GAMGSTSLEPTSTLVRVRKSAATLGIAIEGGANTRQPLPRIVTIQRGGSAHNCGQLKVGHVILEVNGQTLRGKEHKEAAR
IIAEAFKTKERDYIDFLVTEFNVML
;
A,B,E,G,I,K
2 'polypeptide(L)' PKEYDDELTFF C,D,F,H,J,L
#
# COMPACT_ATOMS: atom_id res chain seq x y z
N GLU A 9 1.64 -10.87 -16.16
CA GLU A 9 2.75 -11.12 -15.25
C GLU A 9 2.78 -10.09 -14.09
N PRO A 10 2.93 -8.75 -14.30
CA PRO A 10 2.93 -7.82 -13.15
C PRO A 10 1.54 -7.61 -12.54
N THR A 11 1.48 -7.07 -11.32
CA THR A 11 0.20 -6.89 -10.61
C THR A 11 0.02 -5.50 -9.96
N SER A 12 -0.62 -4.56 -10.67
CA SER A 12 -0.84 -3.22 -10.11
C SER A 12 -2.28 -3.00 -9.64
N THR A 13 -2.46 -2.06 -8.71
CA THR A 13 -3.77 -1.70 -8.16
C THR A 13 -3.77 -0.21 -7.82
N LEU A 14 -4.80 0.52 -8.26
CA LEU A 14 -4.88 1.94 -8.00
C LEU A 14 -5.70 2.27 -6.76
N VAL A 15 -5.03 2.92 -5.81
CA VAL A 15 -5.61 3.33 -4.55
C VAL A 15 -5.67 4.82 -4.57
N ARG A 16 -6.87 5.36 -4.40
CA ARG A 16 -7.06 6.81 -4.35
C ARG A 16 -7.27 7.22 -2.91
N VAL A 17 -6.42 8.10 -2.39
CA VAL A 17 -6.49 8.53 -1.01
C VAL A 17 -7.07 9.93 -0.87
N ARG A 18 -8.23 10.00 -0.26
CA ARG A 18 -8.97 11.21 0.07
C ARG A 18 -8.20 11.93 1.16
N LYS A 19 -8.27 13.26 1.18
CA LYS A 19 -7.61 14.06 2.19
C LYS A 19 -8.58 14.39 3.33
N SER A 20 -8.71 13.46 4.28
CA SER A 20 -9.61 13.66 5.43
C SER A 20 -8.88 14.12 6.72
N ALA A 21 -7.56 14.32 6.66
CA ALA A 21 -6.78 14.75 7.82
C ALA A 21 -5.65 15.74 7.40
N ALA A 22 -4.99 16.40 8.37
CA ALA A 22 -3.89 17.32 8.11
C ALA A 22 -2.61 16.59 7.62
N THR A 23 -2.44 15.33 8.03
CA THR A 23 -1.28 14.53 7.68
C THR A 23 -1.61 13.43 6.68
N LEU A 24 -0.59 12.95 5.96
CA LEU A 24 -0.76 11.81 5.05
C LEU A 24 -0.74 10.53 5.88
N GLY A 25 0.18 10.43 6.84
CA GLY A 25 0.26 9.31 7.75
C GLY A 25 0.91 8.05 7.22
N ILE A 26 2.00 8.19 6.48
CA ILE A 26 2.76 7.04 5.96
C ILE A 26 4.27 7.25 6.12
N ALA A 27 5.06 6.17 6.00
CA ALA A 27 6.51 6.20 6.02
C ALA A 27 6.98 5.35 4.86
N ILE A 28 7.91 5.85 4.05
CA ILE A 28 8.39 5.09 2.90
C ILE A 28 9.90 4.89 2.91
N GLU A 29 10.35 3.78 2.36
CA GLU A 29 11.77 3.45 2.25
C GLU A 29 12.13 3.13 0.80
N GLY A 30 13.39 3.33 0.44
CA GLY A 30 13.87 3.00 -0.89
C GLY A 30 13.72 4.05 -1.97
N GLY A 31 14.25 3.72 -3.13
CA GLY A 31 14.30 4.53 -4.35
C GLY A 31 15.50 4.09 -5.19
N ALA A 32 16.07 5.01 -5.98
CA ALA A 32 17.23 4.69 -6.80
C ALA A 32 18.46 4.46 -5.91
N ASN A 33 19.27 3.42 -6.24
CA ASN A 33 20.50 2.98 -5.54
C ASN A 33 20.21 2.12 -4.30
N THR A 34 19.06 2.32 -3.65
CA THR A 34 18.71 1.51 -2.49
C THR A 34 18.44 0.04 -2.86
N ARG A 35 18.45 -0.82 -1.83
CA ARG A 35 18.15 -2.24 -1.93
C ARG A 35 16.72 -2.44 -2.38
N GLN A 36 15.84 -1.52 -1.98
CA GLN A 36 14.46 -1.44 -2.38
C GLN A 36 14.37 -0.43 -3.54
N PRO A 37 14.44 -0.90 -4.80
CA PRO A 37 14.44 0.02 -5.94
C PRO A 37 13.23 0.97 -6.06
N LEU A 38 12.06 0.58 -5.54
CA LEU A 38 10.87 1.41 -5.61
C LEU A 38 10.40 1.75 -4.19
N PRO A 39 9.84 2.95 -3.96
CA PRO A 39 9.41 3.32 -2.59
C PRO A 39 8.39 2.37 -1.99
N ARG A 40 8.71 1.81 -0.82
CA ARG A 40 7.86 0.83 -0.15
C ARG A 40 7.34 1.39 1.18
N ILE A 41 6.04 1.22 1.45
CA ILE A 41 5.43 1.69 2.70
C ILE A 41 5.87 0.79 3.86
N VAL A 42 6.37 1.40 4.94
CA VAL A 42 6.80 0.64 6.11
C VAL A 42 5.88 0.87 7.32
N THR A 43 5.29 2.06 7.44
CA THR A 43 4.37 2.38 8.54
C THR A 43 3.19 3.19 8.02
N ILE A 44 2.02 2.99 8.64
CA ILE A 44 0.82 3.75 8.37
C ILE A 44 0.30 4.21 9.72
N GLN A 45 0.52 5.50 10.03
CA GLN A 45 0.15 6.12 11.30
C GLN A 45 -1.35 6.16 11.51
N ARG A 46 -1.79 5.77 12.71
CA ARG A 46 -3.21 5.76 13.07
C ARG A 46 -3.78 7.17 13.15
N GLY A 47 -4.87 7.40 12.44
CA GLY A 47 -5.51 8.71 12.44
C GLY A 47 -5.26 9.50 11.17
N GLY A 48 -4.12 9.26 10.53
CA GLY A 48 -3.73 9.94 9.31
C GLY A 48 -4.66 9.68 8.14
N SER A 49 -4.53 10.48 7.07
CA SER A 49 -5.36 10.34 5.87
C SER A 49 -5.29 8.95 5.26
N ALA A 50 -4.10 8.33 5.26
CA ALA A 50 -3.89 6.99 4.72
C ALA A 50 -4.64 5.94 5.54
N HIS A 51 -4.67 6.12 6.86
CA HIS A 51 -5.33 5.17 7.75
C HIS A 51 -6.81 5.03 7.50
N ASN A 52 -7.47 6.12 7.12
CA ASN A 52 -8.89 6.09 6.83
C ASN A 52 -9.20 5.28 5.58
N CYS A 53 -8.32 5.33 4.58
CA CYS A 53 -8.44 4.60 3.32
C CYS A 53 -8.59 3.07 3.50
N GLY A 54 -7.84 2.52 4.44
CA GLY A 54 -7.87 1.08 4.74
C GLY A 54 -7.18 0.19 3.71
N GLN A 55 -7.49 0.40 2.41
CA GLN A 55 -6.95 -0.36 1.26
C GLN A 55 -5.43 -0.25 1.17
N LEU A 56 -4.89 0.92 1.52
CA LEU A 56 -3.46 1.10 1.52
C LEU A 56 -2.92 0.36 2.73
N LYS A 57 -2.00 -0.58 2.48
CA LYS A 57 -1.43 -1.41 3.53
C LYS A 57 0.09 -1.32 3.55
N VAL A 58 0.71 -1.75 4.67
CA VAL A 58 2.17 -1.76 4.81
C VAL A 58 2.75 -2.84 3.91
N GLY A 59 3.89 -2.56 3.33
CA GLY A 59 4.52 -3.47 2.39
C GLY A 59 4.19 -3.17 0.93
N HIS A 60 3.20 -2.28 0.68
CA HIS A 60 2.78 -1.91 -0.67
C HIS A 60 3.87 -1.09 -1.35
N VAL A 61 4.25 -1.49 -2.57
CA VAL A 61 5.27 -0.75 -3.32
C VAL A 61 4.60 0.27 -4.24
N ILE A 62 4.95 1.56 -4.08
CA ILE A 62 4.36 2.62 -4.89
C ILE A 62 5.11 2.75 -6.21
N LEU A 63 4.42 2.53 -7.34
CA LEU A 63 5.05 2.67 -8.65
C LEU A 63 4.74 4.07 -9.17
N GLU A 64 3.48 4.49 -9.14
CA GLU A 64 3.10 5.80 -9.64
C GLU A 64 2.36 6.63 -8.62
N VAL A 65 2.59 7.93 -8.63
CA VAL A 65 1.89 8.86 -7.75
C VAL A 65 1.30 9.97 -8.62
N ASN A 66 -0.03 10.01 -8.72
CA ASN A 66 -0.79 10.95 -9.56
C ASN A 66 -0.45 10.86 -11.05
N GLY A 67 0.03 9.68 -11.47
CA GLY A 67 0.42 9.44 -12.86
C GLY A 67 1.93 9.46 -13.09
N GLN A 68 2.70 10.06 -12.15
CA GLN A 68 4.14 10.14 -12.28
C GLN A 68 4.80 8.88 -11.77
N THR A 69 5.67 8.26 -12.59
CA THR A 69 6.36 7.04 -12.15
C THR A 69 7.53 7.35 -11.22
N LEU A 70 7.70 6.54 -10.20
CA LEU A 70 8.79 6.64 -9.23
C LEU A 70 10.00 5.76 -9.62
N ARG A 71 9.95 5.12 -10.80
CA ARG A 71 11.04 4.28 -11.29
C ARG A 71 12.19 5.18 -11.73
N GLY A 72 13.35 5.01 -11.13
CA GLY A 72 14.51 5.83 -11.45
C GLY A 72 14.71 7.02 -10.54
N LYS A 73 13.71 7.34 -9.70
CA LYS A 73 13.77 8.47 -8.78
C LYS A 73 14.44 8.04 -7.50
N GLU A 74 15.42 8.82 -7.04
CA GLU A 74 16.13 8.61 -5.78
C GLU A 74 15.17 8.90 -4.63
N HIS A 75 15.30 8.21 -3.49
CA HIS A 75 14.49 8.38 -2.27
C HIS A 75 14.16 9.85 -1.96
N LYS A 76 15.17 10.74 -2.01
CA LYS A 76 14.98 12.17 -1.75
C LYS A 76 13.94 12.76 -2.68
N GLU A 77 14.08 12.52 -4.01
CA GLU A 77 13.18 13.01 -5.05
C GLU A 77 11.82 12.34 -4.98
N ALA A 78 11.78 11.04 -4.68
CA ALA A 78 10.54 10.28 -4.54
C ALA A 78 9.68 10.88 -3.42
N ALA A 79 10.32 11.27 -2.30
CA ALA A 79 9.64 11.88 -1.16
C ALA A 79 9.13 13.26 -1.53
N ARG A 80 9.89 14.00 -2.33
CA ARG A 80 9.54 15.34 -2.81
C ARG A 80 8.23 15.27 -3.61
N ILE A 81 8.07 14.26 -4.48
CA ILE A 81 6.87 14.10 -5.32
C ILE A 81 5.62 13.87 -4.46
N ILE A 82 5.72 12.94 -3.50
CA ILE A 82 4.61 12.58 -2.62
C ILE A 82 4.20 13.74 -1.71
N ALA A 83 5.18 14.45 -1.14
CA ALA A 83 4.91 15.58 -0.24
C ALA A 83 4.20 16.70 -0.99
N GLU A 84 4.61 16.97 -2.23
CA GLU A 84 4.01 18.01 -3.05
C GLU A 84 2.63 17.61 -3.52
N ALA A 85 2.42 16.32 -3.81
CA ALA A 85 1.10 15.82 -4.22
C ALA A 85 0.05 15.90 -3.09
N PHE A 86 0.50 15.97 -1.82
CA PHE A 86 -0.41 16.08 -0.70
C PHE A 86 -0.68 17.54 -0.34
N LYS A 87 0.32 18.41 -0.49
CA LYS A 87 0.19 19.81 -0.16
C LYS A 87 -0.67 20.59 -1.16
N THR A 88 -0.73 20.12 -2.42
CA THR A 88 -1.44 20.72 -3.54
C THR A 88 -2.97 20.84 -3.37
N LYS A 89 -3.52 22.03 -3.66
CA LYS A 89 -4.96 22.30 -3.58
C LYS A 89 -5.72 22.00 -4.89
N GLU A 90 -5.01 21.54 -5.96
CA GLU A 90 -5.63 21.19 -7.24
C GLU A 90 -6.58 20.02 -7.01
N ARG A 91 -6.10 18.98 -6.31
CA ARG A 91 -6.90 17.82 -6.03
C ARG A 91 -7.23 17.71 -4.57
N ASP A 92 -8.39 17.11 -4.28
CA ASP A 92 -8.72 16.78 -2.89
C ASP A 92 -8.39 15.26 -2.64
N TYR A 93 -7.54 14.66 -3.48
CA TYR A 93 -7.14 13.27 -3.44
C TYR A 93 -5.66 13.10 -3.84
N ILE A 94 -5.17 11.86 -3.75
CA ILE A 94 -3.83 11.48 -4.17
C ILE A 94 -3.86 10.02 -4.68
N ASP A 95 -3.71 9.86 -6.00
CA ASP A 95 -3.74 8.54 -6.64
C ASP A 95 -2.42 7.82 -6.48
N PHE A 96 -2.45 6.56 -6.05
CA PHE A 96 -1.24 5.75 -5.90
C PHE A 96 -1.40 4.44 -6.63
N LEU A 97 -0.47 4.10 -7.53
CA LEU A 97 -0.50 2.81 -8.20
C LEU A 97 0.42 1.93 -7.40
N VAL A 98 -0.14 1.02 -6.59
CA VAL A 98 0.66 0.17 -5.73
C VAL A 98 0.67 -1.31 -6.16
N THR A 99 1.67 -2.07 -5.69
CA THR A 99 1.92 -3.47 -6.06
C THR A 99 2.11 -4.37 -4.82
N GLU A 100 1.99 -5.69 -5.01
CA GLU A 100 2.24 -6.69 -3.96
C GLU A 100 3.69 -7.26 -4.06
N PHE A 101 4.50 -6.83 -5.07
CA PHE A 101 5.88 -7.28 -5.29
C PHE A 101 6.87 -6.35 -4.59
N SER B 12 2.35 -0.28 19.33
CA SER B 12 2.48 -0.41 17.88
C SER B 12 3.29 0.75 17.29
N THR B 13 4.62 0.62 17.25
CA THR B 13 5.49 1.70 16.75
C THR B 13 6.74 1.09 16.12
N LEU B 14 7.10 1.52 14.90
CA LEU B 14 8.29 0.99 14.24
C LEU B 14 9.52 1.86 14.54
N VAL B 15 10.57 1.24 15.07
CA VAL B 15 11.82 1.91 15.41
C VAL B 15 12.95 1.35 14.56
N ARG B 16 13.61 2.21 13.78
CA ARG B 16 14.73 1.79 12.95
C ARG B 16 16.05 2.08 13.66
N VAL B 17 16.89 1.05 13.82
CA VAL B 17 18.19 1.21 14.47
C VAL B 17 19.28 1.06 13.43
N ARG B 18 20.00 2.15 13.13
CA ARG B 18 21.07 2.07 12.13
C ARG B 18 22.25 1.30 12.74
N LYS B 19 22.88 0.40 11.97
CA LYS B 19 23.99 -0.39 12.50
C LYS B 19 25.32 0.36 12.46
N SER B 20 25.43 1.38 13.33
CA SER B 20 26.56 2.29 13.46
C SER B 20 27.70 1.75 14.32
N ALA B 21 27.36 1.18 15.49
CA ALA B 21 28.35 0.63 16.41
C ALA B 21 28.58 -0.86 16.17
N ALA B 22 29.75 -1.37 16.60
CA ALA B 22 30.11 -2.78 16.47
C ALA B 22 29.13 -3.70 17.22
N THR B 23 28.50 -3.19 18.28
CA THR B 23 27.52 -3.93 19.09
C THR B 23 26.11 -3.39 18.92
N LEU B 24 25.10 -4.21 19.21
CA LEU B 24 23.71 -3.78 19.18
C LEU B 24 23.40 -3.02 20.48
N GLY B 25 23.87 -3.54 21.61
CA GLY B 25 23.73 -2.89 22.89
C GLY B 25 22.38 -3.01 23.57
N ILE B 26 21.77 -4.20 23.51
CA ILE B 26 20.48 -4.44 24.18
C ILE B 26 20.49 -5.80 24.89
N ALA B 27 19.56 -5.99 25.83
CA ALA B 27 19.37 -7.27 26.52
C ALA B 27 17.89 -7.56 26.46
N ILE B 28 17.52 -8.78 26.06
CA ILE B 28 16.10 -9.14 25.98
C ILE B 28 15.77 -10.37 26.81
N GLU B 29 14.55 -10.41 27.32
CA GLU B 29 14.08 -11.54 28.12
C GLU B 29 12.77 -12.07 27.55
N GLY B 30 12.50 -13.34 27.80
CA GLY B 30 11.25 -13.95 27.37
C GLY B 30 11.18 -14.53 25.97
N GLY B 31 10.04 -15.15 25.71
CA GLY B 31 9.69 -15.86 24.49
C GLY B 31 8.61 -16.87 24.80
N ALA B 32 8.57 -17.98 24.05
CA ALA B 32 7.58 -19.03 24.26
C ALA B 32 7.86 -19.80 25.55
N ASN B 33 6.79 -20.24 26.25
CA ASN B 33 6.82 -21.02 27.50
C ASN B 33 7.41 -20.29 28.72
N THR B 34 7.86 -19.03 28.55
CA THR B 34 8.45 -18.25 29.64
C THR B 34 7.45 -17.23 30.22
N ARG B 35 7.79 -16.68 31.41
CA ARG B 35 7.07 -15.66 32.16
C ARG B 35 6.61 -14.46 31.29
N GLN B 36 7.37 -14.15 30.23
CA GLN B 36 7.14 -13.03 29.33
C GLN B 36 6.97 -13.59 27.90
N PRO B 37 5.73 -13.73 27.42
CA PRO B 37 5.51 -14.36 26.09
C PRO B 37 6.23 -13.74 24.88
N LEU B 38 6.48 -12.43 24.88
CA LEU B 38 7.17 -11.76 23.79
C LEU B 38 8.50 -11.17 24.29
N PRO B 39 9.56 -11.16 23.46
CA PRO B 39 10.84 -10.61 23.93
C PRO B 39 10.74 -9.15 24.39
N ARG B 40 11.09 -8.86 25.65
CA ARG B 40 11.04 -7.51 26.19
C ARG B 40 12.44 -7.01 26.50
N ILE B 41 12.75 -5.77 26.12
CA ILE B 41 14.06 -5.16 26.37
C ILE B 41 14.20 -4.85 27.86
N VAL B 42 15.30 -5.30 28.49
CA VAL B 42 15.53 -5.03 29.90
C VAL B 42 16.66 -4.02 30.10
N THR B 43 17.69 -4.04 29.25
CA THR B 43 18.77 -3.06 29.35
C THR B 43 19.24 -2.59 27.98
N ILE B 44 19.72 -1.36 27.94
CA ILE B 44 20.24 -0.73 26.74
C ILE B 44 21.60 -0.16 27.09
N GLN B 45 22.66 -0.80 26.60
CA GLN B 45 24.04 -0.43 26.86
C GLN B 45 24.39 0.94 26.30
N ARG B 46 25.28 1.65 27.01
CA ARG B 46 25.76 2.98 26.65
C ARG B 46 26.49 2.99 25.31
N GLY B 47 27.31 1.97 25.07
CA GLY B 47 28.09 1.89 23.84
C GLY B 47 27.41 1.21 22.65
N GLY B 48 26.16 0.80 22.83
CA GLY B 48 25.43 0.11 21.78
C GLY B 48 24.94 1.01 20.66
N SER B 49 24.31 0.39 19.67
CA SER B 49 23.72 1.08 18.53
C SER B 49 22.33 1.62 18.87
N ALA B 50 21.60 0.96 19.79
CA ALA B 50 20.27 1.38 20.22
C ALA B 50 20.28 2.64 21.06
N HIS B 51 21.40 2.90 21.77
CA HIS B 51 21.61 4.06 22.62
C HIS B 51 21.63 5.32 21.77
N ASN B 52 22.29 5.27 20.60
CA ASN B 52 22.44 6.39 19.67
C ASN B 52 21.09 6.91 19.17
N CYS B 53 20.19 6.00 18.77
CA CYS B 53 18.87 6.40 18.27
C CYS B 53 18.01 7.07 19.34
N GLY B 54 17.90 6.45 20.50
CA GLY B 54 17.12 7.00 21.60
C GLY B 54 15.65 6.62 21.59
N GLN B 55 15.10 6.32 20.39
CA GLN B 55 13.70 5.92 20.25
C GLN B 55 13.45 4.58 20.93
N LEU B 56 14.44 3.68 20.91
CA LEU B 56 14.30 2.37 21.55
C LEU B 56 14.54 2.52 23.03
N LYS B 57 13.53 2.18 23.85
CA LYS B 57 13.60 2.32 25.30
C LYS B 57 13.44 0.99 26.04
N VAL B 58 13.86 0.94 27.32
CA VAL B 58 13.70 -0.27 28.12
C VAL B 58 12.22 -0.51 28.42
N GLY B 59 11.84 -1.77 28.48
CA GLY B 59 10.44 -2.15 28.70
C GLY B 59 9.67 -2.36 27.42
N HIS B 60 10.27 -2.01 26.26
CA HIS B 60 9.68 -2.16 24.94
C HIS B 60 9.55 -3.64 24.59
N VAL B 61 8.37 -4.06 24.15
CA VAL B 61 8.14 -5.44 23.78
C VAL B 61 8.26 -5.57 22.27
N ILE B 62 9.25 -6.33 21.80
CA ILE B 62 9.48 -6.50 20.36
C ILE B 62 8.50 -7.52 19.79
N LEU B 63 7.63 -7.06 18.87
CA LEU B 63 6.64 -7.89 18.21
C LEU B 63 7.23 -8.45 16.92
N GLU B 64 7.90 -7.59 16.13
CA GLU B 64 8.50 -7.98 14.86
C GLU B 64 9.91 -7.44 14.70
N VAL B 65 10.76 -8.19 14.01
CA VAL B 65 12.13 -7.77 13.72
C VAL B 65 12.38 -7.95 12.23
N ASN B 66 12.53 -6.82 11.51
CA ASN B 66 12.70 -6.77 10.05
C ASN B 66 11.51 -7.39 9.28
N GLY B 67 10.34 -7.41 9.91
CA GLY B 67 9.13 -7.99 9.32
C GLY B 67 8.78 -9.36 9.87
N GLN B 68 9.74 -10.05 10.49
CA GLN B 68 9.51 -11.38 11.05
C GLN B 68 8.88 -11.32 12.43
N THR B 69 7.84 -12.14 12.64
CA THR B 69 7.14 -12.22 13.91
C THR B 69 7.89 -12.99 14.99
N LEU B 70 7.88 -12.47 16.23
CA LEU B 70 8.49 -13.18 17.35
C LEU B 70 7.45 -13.93 18.20
N ARG B 71 6.16 -13.92 17.81
CA ARG B 71 5.09 -14.60 18.50
C ARG B 71 5.23 -16.10 18.26
N GLY B 72 5.39 -16.87 19.33
CA GLY B 72 5.56 -18.32 19.21
C GLY B 72 6.99 -18.79 19.15
N LYS B 73 7.95 -17.86 19.02
CA LYS B 73 9.36 -18.20 18.95
C LYS B 73 9.92 -18.31 20.36
N GLU B 74 10.63 -19.40 20.67
CA GLU B 74 11.26 -19.60 21.97
C GLU B 74 12.39 -18.56 22.14
N HIS B 75 12.76 -18.21 23.38
CA HIS B 75 13.83 -17.24 23.63
C HIS B 75 15.10 -17.47 22.82
N LYS B 76 15.59 -18.72 22.77
CA LYS B 76 16.80 -19.05 22.02
C LYS B 76 16.64 -18.72 20.54
N GLU B 77 15.49 -19.11 19.95
CA GLU B 77 15.17 -18.86 18.55
C GLU B 77 14.97 -17.36 18.26
N ALA B 78 14.34 -16.63 19.20
CA ALA B 78 14.12 -15.19 19.08
C ALA B 78 15.44 -14.42 19.12
N ALA B 79 16.41 -14.91 19.90
CA ALA B 79 17.73 -14.31 19.97
C ALA B 79 18.49 -14.55 18.66
N ARG B 80 18.30 -15.73 18.03
CA ARG B 80 18.94 -16.08 16.75
C ARG B 80 18.51 -15.10 15.65
N ILE B 81 17.21 -14.75 15.62
CA ILE B 81 16.69 -13.83 14.62
C ILE B 81 17.33 -12.45 14.73
N ILE B 82 17.39 -11.91 15.95
CA ILE B 82 17.97 -10.60 16.22
C ILE B 82 19.47 -10.56 15.96
N ALA B 83 20.20 -11.60 16.37
CA ALA B 83 21.64 -11.68 16.15
C ALA B 83 21.98 -11.74 14.67
N GLU B 84 21.19 -12.49 13.89
CA GLU B 84 21.41 -12.60 12.45
C GLU B 84 21.02 -11.31 11.73
N ALA B 85 19.98 -10.61 12.22
CA ALA B 85 19.55 -9.34 11.63
C ALA B 85 20.59 -8.22 11.86
N PHE B 86 21.48 -8.36 12.84
CA PHE B 86 22.52 -7.37 13.09
C PHE B 86 23.81 -7.72 12.33
N LYS B 87 24.11 -9.01 12.17
CA LYS B 87 25.33 -9.44 11.50
C LYS B 87 25.26 -9.26 9.98
N THR B 88 24.04 -9.36 9.39
CA THR B 88 23.84 -9.28 7.94
C THR B 88 24.34 -7.99 7.27
N LYS B 89 24.95 -8.16 6.09
CA LYS B 89 25.47 -7.06 5.27
C LYS B 89 24.45 -6.55 4.21
N GLU B 90 23.27 -7.20 4.12
CA GLU B 90 22.21 -6.84 3.19
C GLU B 90 21.66 -5.47 3.60
N ARG B 91 21.06 -5.35 4.78
CA ARG B 91 20.56 -4.07 5.27
C ARG B 91 21.59 -3.51 6.23
N ASP B 92 21.85 -2.19 6.18
CA ASP B 92 22.77 -1.57 7.15
C ASP B 92 21.98 -0.99 8.36
N TYR B 93 20.79 -1.52 8.63
CA TYR B 93 19.87 -1.11 9.70
C TYR B 93 19.09 -2.32 10.26
N ILE B 94 18.22 -2.10 11.25
CA ILE B 94 17.39 -3.17 11.82
C ILE B 94 16.06 -2.59 12.30
N ASP B 95 14.95 -2.93 11.60
CA ASP B 95 13.61 -2.44 11.91
C ASP B 95 12.99 -3.25 13.06
N PHE B 96 12.43 -2.57 14.07
CA PHE B 96 11.80 -3.24 15.20
C PHE B 96 10.39 -2.72 15.39
N LEU B 97 9.38 -3.61 15.44
CA LEU B 97 8.02 -3.16 15.73
C LEU B 97 7.84 -3.37 17.23
N VAL B 98 7.88 -2.28 18.01
CA VAL B 98 7.79 -2.37 19.46
C VAL B 98 6.51 -1.78 20.05
N THR B 99 6.17 -2.16 21.29
CA THR B 99 4.99 -1.69 22.01
C THR B 99 5.25 -1.59 23.52
N GLU B 100 4.36 -0.93 24.27
CA GLU B 100 4.55 -0.70 25.69
C GLU B 100 4.15 -1.90 26.59
N PHE B 101 2.92 -2.41 26.46
CA PHE B 101 2.45 -3.51 27.30
C PHE B 101 2.89 -4.88 26.82
N TYR C 4 27.11 4.65 3.00
CA TYR C 4 26.60 4.05 4.22
C TYR C 4 25.32 4.74 4.73
N ASP C 5 24.21 4.54 4.01
CA ASP C 5 22.95 5.17 4.38
C ASP C 5 21.72 4.24 4.27
N ASP C 6 20.72 4.52 5.12
CA ASP C 6 19.45 3.80 5.13
C ASP C 6 18.27 4.71 5.41
N GLU C 7 17.85 5.39 4.35
CA GLU C 7 16.81 6.41 4.29
C GLU C 7 15.41 5.95 4.67
N LEU C 8 14.63 6.88 5.25
CA LEU C 8 13.26 6.67 5.65
C LEU C 8 12.57 8.00 5.79
N THR C 9 11.55 8.27 4.96
CA THR C 9 10.85 9.55 5.02
C THR C 9 9.44 9.41 5.62
N PHE C 10 9.10 10.29 6.57
CA PHE C 10 7.78 10.29 7.21
C PHE C 10 6.92 11.41 6.66
N PHE C 11 5.62 11.13 6.47
CA PHE C 11 4.68 12.12 5.96
C PHE C 11 3.55 12.40 6.97
N ASP D 5 12.99 -21.45 35.57
CA ASP D 5 14.15 -21.44 34.68
C ASP D 5 14.01 -20.32 33.64
N ASP D 6 14.06 -19.06 34.10
CA ASP D 6 13.94 -17.87 33.25
C ASP D 6 15.30 -17.26 32.90
N GLU D 7 15.39 -16.53 31.78
CA GLU D 7 16.68 -16.06 31.28
C GLU D 7 16.69 -14.87 30.31
N LEU D 8 17.88 -14.29 30.07
CA LEU D 8 18.04 -13.18 29.14
C LEU D 8 19.30 -13.29 28.24
N THR D 9 19.28 -12.65 27.07
CA THR D 9 20.39 -12.68 26.13
C THR D 9 20.93 -11.27 25.87
N PHE D 10 22.26 -11.10 25.85
CA PHE D 10 22.90 -9.82 25.62
C PHE D 10 23.44 -9.71 24.21
N PHE D 11 23.29 -8.54 23.59
CA PHE D 11 23.79 -8.31 22.23
C PHE D 11 24.82 -7.17 22.20
N PRO E 10 -1.96 -35.99 -1.03
CA PRO E 10 -0.87 -36.84 -1.51
C PRO E 10 0.31 -36.94 -0.53
N THR E 11 1.27 -37.85 -0.80
CA THR E 11 2.44 -37.99 0.06
C THR E 11 3.41 -36.84 -0.18
N SER E 12 3.38 -35.87 0.74
CA SER E 12 4.19 -34.66 0.65
C SER E 12 5.66 -34.87 1.02
N THR E 13 6.56 -34.13 0.34
CA THR E 13 8.01 -34.16 0.58
C THR E 13 8.53 -32.72 0.51
N LEU E 14 9.31 -32.27 1.52
CA LEU E 14 9.82 -30.90 1.51
C LEU E 14 11.22 -30.84 0.89
N VAL E 15 11.37 -30.02 -0.14
CA VAL E 15 12.64 -29.84 -0.83
C VAL E 15 13.12 -28.39 -0.64
N ARG E 16 14.30 -28.23 -0.02
CA ARG E 16 14.87 -26.92 0.21
C ARG E 16 15.82 -26.58 -0.93
N VAL E 17 15.66 -25.40 -1.53
CA VAL E 17 16.54 -24.97 -2.61
C VAL E 17 17.35 -23.77 -2.16
N ARG E 18 18.68 -23.92 -2.09
CA ARG E 18 19.54 -22.84 -1.65
C ARG E 18 19.66 -21.78 -2.73
N LYS E 19 19.45 -20.52 -2.36
CA LYS E 19 19.52 -19.42 -3.31
C LYS E 19 20.95 -18.93 -3.40
N SER E 20 21.70 -19.39 -4.41
CA SER E 20 23.10 -19.00 -4.56
C SER E 20 23.48 -18.51 -5.96
N ALA E 21 22.53 -18.50 -6.90
CA ALA E 21 22.79 -18.11 -8.27
C ALA E 21 21.77 -17.07 -8.84
N ALA E 22 21.99 -16.53 -10.09
CA ALA E 22 21.11 -15.56 -10.74
C ALA E 22 19.68 -16.06 -10.98
N THR E 23 19.54 -17.31 -11.46
CA THR E 23 18.22 -17.85 -11.76
C THR E 23 17.94 -19.19 -11.09
N LEU E 24 16.66 -19.46 -10.78
CA LEU E 24 16.22 -20.71 -10.16
C LEU E 24 16.39 -21.86 -11.14
N GLY E 25 16.01 -21.63 -12.39
CA GLY E 25 16.13 -22.59 -13.47
C GLY E 25 15.04 -23.63 -13.62
N ILE E 26 13.77 -23.27 -13.41
CA ILE E 26 12.66 -24.23 -13.56
C ILE E 26 11.56 -23.68 -14.48
N ALA E 27 10.67 -24.54 -15.00
CA ALA E 27 9.53 -24.13 -15.79
C ALA E 27 8.32 -24.85 -15.23
N ILE E 28 7.21 -24.13 -15.01
CA ILE E 28 6.01 -24.75 -14.43
C ILE E 28 4.77 -24.57 -15.29
N GLU E 29 3.86 -25.55 -15.22
CA GLU E 29 2.60 -25.52 -15.95
C GLU E 29 1.41 -25.75 -15.00
N GLY E 30 0.25 -25.22 -15.36
CA GLY E 30 -1.02 -25.46 -14.67
C GLY E 30 -1.50 -24.64 -13.48
N GLY E 31 -2.77 -24.81 -13.14
CA GLY E 31 -3.43 -24.20 -11.99
C GLY E 31 -4.53 -23.20 -12.29
N ALA E 32 -4.35 -22.41 -13.34
CA ALA E 32 -5.31 -21.39 -13.75
C ALA E 32 -6.39 -22.05 -14.60
N ASN E 33 -7.35 -22.74 -13.95
CA ASN E 33 -8.45 -23.46 -14.61
C ASN E 33 -7.99 -24.40 -15.75
N THR E 34 -6.78 -24.97 -15.63
CA THR E 34 -6.22 -25.86 -16.65
C THR E 34 -6.52 -27.36 -16.34
N ARG E 35 -6.05 -28.28 -17.20
CA ARG E 35 -6.12 -29.70 -16.97
C ARG E 35 -5.08 -30.14 -15.87
N GLN E 36 -4.19 -29.24 -15.42
CA GLN E 36 -3.21 -29.54 -14.36
C GLN E 36 -3.48 -28.61 -13.16
N PRO E 37 -4.39 -28.98 -12.24
CA PRO E 37 -4.78 -28.08 -11.14
C PRO E 37 -3.70 -27.48 -10.24
N LEU E 38 -2.58 -28.17 -10.08
CA LEU E 38 -1.48 -27.67 -9.26
C LEU E 38 -0.25 -27.47 -10.13
N PRO E 39 0.58 -26.45 -9.87
CA PRO E 39 1.76 -26.21 -10.71
C PRO E 39 2.73 -27.38 -10.77
N ARG E 40 3.01 -27.87 -11.98
CA ARG E 40 3.89 -29.02 -12.19
C ARG E 40 5.14 -28.60 -12.94
N ILE E 41 6.31 -29.07 -12.47
CA ILE E 41 7.59 -28.76 -13.11
C ILE E 41 7.73 -29.53 -14.42
N VAL E 42 8.04 -28.83 -15.51
CA VAL E 42 8.21 -29.46 -16.81
C VAL E 42 9.67 -29.48 -17.25
N THR E 43 10.44 -28.43 -16.92
CA THR E 43 11.86 -28.38 -17.25
C THR E 43 12.68 -27.85 -16.10
N ILE E 44 13.93 -28.28 -16.04
CA ILE E 44 14.89 -27.82 -15.05
C ILE E 44 16.22 -27.56 -15.75
N GLN E 45 16.80 -26.40 -15.50
CA GLN E 45 18.09 -26.00 -16.03
C GLN E 45 19.13 -26.15 -14.91
N ARG E 46 20.30 -26.70 -15.23
CA ARG E 46 21.36 -26.90 -14.25
C ARG E 46 22.66 -26.32 -14.74
N GLY E 47 23.30 -25.52 -13.92
CA GLY E 47 24.56 -24.89 -14.29
C GLY E 47 24.32 -23.61 -15.04
N GLY E 48 25.41 -22.95 -15.44
CA GLY E 48 25.30 -21.66 -16.12
C GLY E 48 24.81 -20.67 -15.09
N SER E 49 23.62 -20.12 -15.31
CA SER E 49 22.99 -19.29 -14.29
C SER E 49 22.05 -20.15 -13.42
N ALA E 50 22.57 -21.22 -12.77
CA ALA E 50 21.77 -22.10 -11.91
C ALA E 50 22.63 -22.94 -10.94
N CYS E 53 22.45 -30.44 -9.51
CA CYS E 53 22.57 -29.23 -8.69
C CYS E 53 21.38 -28.99 -7.75
N GLY E 54 20.41 -29.92 -7.71
CA GLY E 54 19.27 -29.75 -6.83
C GLY E 54 18.45 -31.00 -6.57
N GLN E 55 17.60 -30.93 -5.53
CA GLN E 55 16.74 -32.05 -5.15
C GLN E 55 15.31 -31.93 -5.70
N LEU E 56 15.14 -31.13 -6.75
CA LEU E 56 13.87 -30.92 -7.42
C LEU E 56 14.00 -31.61 -8.79
N LYS E 57 13.03 -32.47 -9.15
CA LYS E 57 13.08 -33.16 -10.44
C LYS E 57 11.85 -32.85 -11.30
N VAL E 58 11.90 -33.14 -12.61
CA VAL E 58 10.78 -32.87 -13.50
C VAL E 58 9.60 -33.78 -13.18
N GLY E 59 8.41 -33.27 -13.36
CA GLY E 59 7.20 -34.00 -13.04
C GLY E 59 6.69 -33.75 -11.62
N HIS E 60 7.47 -33.01 -10.81
CA HIS E 60 7.11 -32.69 -9.44
C HIS E 60 5.98 -31.70 -9.38
N VAL E 61 4.99 -31.98 -8.54
CA VAL E 61 3.85 -31.10 -8.40
C VAL E 61 4.01 -30.28 -7.13
N ILE E 62 4.17 -28.96 -7.27
CA ILE E 62 4.37 -28.08 -6.12
C ILE E 62 3.06 -27.79 -5.42
N LEU E 63 2.93 -28.22 -4.17
CA LEU E 63 1.74 -28.01 -3.35
C LEU E 63 1.81 -26.68 -2.58
N GLU E 64 2.90 -26.41 -1.85
CA GLU E 64 3.04 -25.15 -1.12
C GLU E 64 4.48 -24.65 -1.10
N VAL E 65 4.64 -23.37 -1.41
CA VAL E 65 5.92 -22.68 -1.54
C VAL E 65 6.09 -21.74 -0.36
N ASN E 66 7.12 -22.01 0.48
CA ASN E 66 7.39 -21.26 1.71
C ASN E 66 6.23 -21.32 2.72
N GLY E 67 5.40 -22.35 2.64
CA GLY E 67 4.26 -22.54 3.51
C GLY E 67 2.92 -22.18 2.90
N GLN E 68 2.89 -21.25 1.92
CA GLN E 68 1.64 -20.81 1.29
C GLN E 68 1.22 -21.74 0.15
N THR E 69 0.00 -22.31 0.25
CA THR E 69 -0.53 -23.28 -0.72
C THR E 69 -0.85 -22.66 -2.08
N LEU E 70 -0.55 -23.43 -3.13
CA LEU E 70 -0.85 -23.04 -4.50
C LEU E 70 -2.21 -23.60 -4.99
N ARG E 71 -2.98 -24.22 -4.07
CA ARG E 71 -4.30 -24.79 -4.29
C ARG E 71 -5.29 -23.63 -4.34
N GLY E 72 -6.17 -23.65 -5.33
CA GLY E 72 -7.17 -22.59 -5.49
C GLY E 72 -6.60 -21.28 -6.00
N LYS E 73 -5.45 -21.34 -6.67
CA LYS E 73 -4.80 -20.16 -7.24
C LYS E 73 -4.80 -20.27 -8.80
N GLU E 74 -4.01 -19.45 -9.49
CA GLU E 74 -3.92 -19.45 -10.94
C GLU E 74 -2.45 -19.49 -11.35
N HIS E 75 -2.12 -19.96 -12.56
CA HIS E 75 -0.74 -20.01 -13.06
C HIS E 75 -0.08 -18.63 -12.97
N LYS E 76 -0.75 -17.59 -13.48
CA LYS E 76 -0.22 -16.24 -13.42
C LYS E 76 0.09 -15.80 -11.96
N GLU E 77 -0.82 -16.10 -11.03
CA GLU E 77 -0.67 -15.78 -9.61
C GLU E 77 0.39 -16.65 -8.92
N ALA E 78 0.37 -17.97 -9.17
CA ALA E 78 1.31 -18.93 -8.61
C ALA E 78 2.73 -18.66 -9.07
N ALA E 79 2.90 -18.23 -10.33
CA ALA E 79 4.22 -17.88 -10.86
C ALA E 79 4.78 -16.68 -10.12
N ARG E 80 3.93 -15.71 -9.74
CA ARG E 80 4.38 -14.54 -9.00
C ARG E 80 4.84 -14.91 -7.59
N ILE E 81 4.16 -15.89 -6.96
CA ILE E 81 4.56 -16.34 -5.62
C ILE E 81 5.99 -16.92 -5.65
N ILE E 82 6.26 -17.80 -6.63
CA ILE E 82 7.57 -18.42 -6.79
C ILE E 82 8.65 -17.41 -7.15
N ALA E 83 8.34 -16.48 -8.08
CA ALA E 83 9.30 -15.45 -8.48
C ALA E 83 9.66 -14.51 -7.34
N GLU E 84 8.70 -14.17 -6.46
CA GLU E 84 9.01 -13.31 -5.31
C GLU E 84 9.81 -14.10 -4.29
N ALA E 85 9.43 -15.37 -4.05
CA ALA E 85 10.16 -16.23 -3.11
C ALA E 85 11.64 -16.42 -3.48
N PHE E 86 12.00 -16.18 -4.75
CA PHE E 86 13.38 -16.27 -5.20
C PHE E 86 14.07 -14.91 -5.16
N LYS E 87 13.35 -13.81 -5.37
CA LYS E 87 13.96 -12.48 -5.29
C LYS E 87 14.22 -12.05 -3.83
N THR E 88 13.41 -12.54 -2.88
CA THR E 88 13.58 -12.22 -1.45
C THR E 88 15.00 -12.52 -0.94
N LYS E 89 15.64 -11.50 -0.36
CA LYS E 89 17.01 -11.60 0.14
C LYS E 89 17.07 -12.02 1.61
N GLU E 90 16.00 -11.76 2.38
CA GLU E 90 15.93 -12.17 3.80
C GLU E 90 15.84 -13.71 3.97
N ARG E 91 15.66 -14.46 2.87
CA ARG E 91 15.58 -15.90 2.87
C ARG E 91 16.76 -16.47 2.11
N ASP E 92 17.67 -17.18 2.79
CA ASP E 92 18.81 -17.81 2.12
C ASP E 92 18.39 -19.05 1.29
N TYR E 93 17.14 -19.52 1.46
CA TYR E 93 16.60 -20.71 0.81
C TYR E 93 15.10 -20.57 0.44
N ILE E 94 14.47 -21.67 -0.02
CA ILE E 94 13.06 -21.76 -0.40
C ILE E 94 12.56 -23.19 -0.10
N ASP E 95 11.47 -23.30 0.67
CA ASP E 95 10.91 -24.60 1.05
C ASP E 95 9.73 -25.02 0.16
N PHE E 96 9.97 -25.92 -0.80
CA PHE E 96 8.91 -26.39 -1.69
C PHE E 96 8.33 -27.69 -1.19
N LEU E 97 7.01 -27.79 -1.05
CA LEU E 97 6.39 -29.06 -0.67
C LEU E 97 5.96 -29.69 -1.98
N VAL E 98 6.69 -30.69 -2.45
CA VAL E 98 6.42 -31.36 -3.73
C VAL E 98 5.79 -32.76 -3.56
N THR E 99 5.28 -33.35 -4.67
CA THR E 99 4.72 -34.71 -4.74
C THR E 99 4.82 -35.28 -6.18
N GLU E 100 4.65 -36.60 -6.34
CA GLU E 100 4.72 -37.25 -7.64
C GLU E 100 3.42 -37.97 -8.00
N GLU F 7 0.65 -21.57 -22.00
CA GLU F 7 0.46 -21.69 -20.56
C GLU F 7 1.70 -22.24 -19.87
N LEU F 8 2.85 -21.59 -20.09
CA LEU F 8 4.12 -22.01 -19.51
C LEU F 8 4.95 -20.83 -19.01
N THR F 9 5.45 -20.90 -17.76
CA THR F 9 6.30 -19.84 -17.23
C THR F 9 7.71 -20.34 -16.93
N PHE F 10 8.74 -19.64 -17.42
CA PHE F 10 10.13 -20.03 -17.21
C PHE F 10 10.77 -19.14 -16.15
N PHE F 11 11.59 -19.74 -15.29
CA PHE F 11 12.29 -19.04 -14.23
C PHE F 11 13.79 -19.13 -14.40
N THR G 11 -7.03 15.32 -31.86
CA THR G 11 -8.12 14.82 -32.67
C THR G 11 -8.75 13.54 -32.08
N SER G 12 -10.03 13.30 -32.41
CA SER G 12 -10.76 12.16 -31.88
C SER G 12 -10.43 10.82 -32.57
N THR G 13 -10.70 9.71 -31.89
CA THR G 13 -10.45 8.36 -32.39
C THR G 13 -11.53 7.43 -31.84
N LEU G 14 -12.19 6.64 -32.71
CA LEU G 14 -13.21 5.72 -32.26
C LEU G 14 -12.63 4.34 -31.95
N VAL G 15 -12.83 3.87 -30.72
CA VAL G 15 -12.34 2.57 -30.26
C VAL G 15 -13.54 1.67 -29.94
N ARG G 16 -13.66 0.54 -30.66
CA ARG G 16 -14.75 -0.41 -30.42
C ARG G 16 -14.26 -1.52 -29.49
N VAL G 17 -14.95 -1.71 -28.36
CA VAL G 17 -14.56 -2.72 -27.38
C VAL G 17 -15.53 -3.88 -27.43
N ARG G 18 -15.02 -5.06 -27.73
CA ARG G 18 -15.83 -6.27 -27.74
C ARG G 18 -16.03 -6.70 -26.29
N LYS G 19 -17.26 -7.13 -25.93
CA LYS G 19 -17.51 -7.58 -24.56
C LYS G 19 -17.05 -9.05 -24.43
N SER G 20 -15.75 -9.28 -24.64
CA SER G 20 -15.14 -10.61 -24.59
C SER G 20 -15.07 -11.22 -23.19
N ALA G 21 -15.16 -10.38 -22.15
CA ALA G 21 -15.07 -10.83 -20.77
C ALA G 21 -16.28 -10.35 -19.92
N ALA G 22 -16.44 -10.90 -18.69
CA ALA G 22 -17.50 -10.56 -17.74
C ALA G 22 -17.40 -9.11 -17.26
N THR G 23 -16.19 -8.57 -17.16
CA THR G 23 -15.96 -7.20 -16.72
C THR G 23 -15.53 -6.27 -17.85
N LEU G 24 -15.73 -4.96 -17.68
CA LEU G 24 -15.25 -3.98 -18.66
C LEU G 24 -13.75 -3.75 -18.44
N GLY G 25 -13.33 -3.64 -17.18
CA GLY G 25 -11.94 -3.50 -16.83
C GLY G 25 -11.34 -2.12 -16.95
N ILE G 26 -12.11 -1.06 -16.61
CA ILE G 26 -11.61 0.31 -16.64
C ILE G 26 -12.05 1.09 -15.37
N ALA G 27 -11.43 2.25 -15.12
CA ALA G 27 -11.83 3.14 -14.03
C ALA G 27 -11.68 4.55 -14.55
N ILE G 28 -12.75 5.33 -14.46
CA ILE G 28 -12.75 6.69 -14.95
C ILE G 28 -13.15 7.69 -13.91
N GLU G 29 -12.54 8.87 -13.98
CA GLU G 29 -12.87 9.97 -13.08
C GLU G 29 -13.23 11.20 -13.88
N GLY G 30 -14.07 12.02 -13.31
CA GLY G 30 -14.45 13.28 -13.94
C GLY G 30 -15.81 13.30 -14.60
N GLY G 31 -16.31 14.51 -14.80
CA GLY G 31 -17.59 14.76 -15.41
C GLY G 31 -17.88 16.24 -15.40
N ALA G 32 -18.97 16.64 -14.76
CA ALA G 32 -19.34 18.05 -14.68
C ALA G 32 -19.15 18.56 -13.26
N ASN G 33 -18.63 19.79 -13.12
CA ASN G 33 -18.34 20.39 -11.82
C ASN G 33 -17.30 19.57 -11.02
N THR G 34 -16.36 18.95 -11.75
CA THR G 34 -15.26 18.15 -11.20
C THR G 34 -13.91 18.82 -11.65
N ARG G 35 -12.78 18.25 -11.23
CA ARG G 35 -11.46 18.72 -11.65
C ARG G 35 -11.26 18.47 -13.17
N GLN G 36 -11.89 17.41 -13.72
CA GLN G 36 -11.80 17.10 -15.13
C GLN G 36 -13.14 17.33 -15.84
N PRO G 37 -13.14 18.09 -16.95
CA PRO G 37 -14.41 18.38 -17.64
C PRO G 37 -15.05 17.22 -18.41
N LEU G 38 -14.34 16.12 -18.62
CA LEU G 38 -14.86 14.95 -19.34
C LEU G 38 -14.30 13.67 -18.70
N PRO G 39 -15.05 12.54 -18.70
CA PRO G 39 -14.54 11.32 -18.05
C PRO G 39 -13.21 10.84 -18.64
N ARG G 40 -12.20 10.69 -17.78
CA ARG G 40 -10.86 10.26 -18.20
C ARG G 40 -10.50 8.91 -17.59
N ILE G 41 -9.95 7.99 -18.40
CA ILE G 41 -9.55 6.66 -17.94
C ILE G 41 -8.28 6.76 -17.08
N VAL G 42 -8.31 6.20 -15.87
CA VAL G 42 -7.14 6.23 -14.99
C VAL G 42 -6.49 4.85 -14.87
N THR G 43 -7.30 3.78 -14.88
CA THR G 43 -6.76 2.43 -14.82
C THR G 43 -7.46 1.49 -15.79
N ILE G 44 -6.72 0.49 -16.27
CA ILE G 44 -7.20 -0.56 -17.14
C ILE G 44 -6.77 -1.87 -16.50
N GLN G 45 -7.73 -2.53 -15.84
CA GLN G 45 -7.50 -3.77 -15.09
C GLN G 45 -7.28 -4.98 -15.98
N ARG G 46 -6.20 -5.74 -15.73
CA ARG G 46 -5.86 -6.96 -16.46
C ARG G 46 -7.00 -7.96 -16.37
N GLY G 47 -7.33 -8.59 -17.50
CA GLY G 47 -8.44 -9.52 -17.54
C GLY G 47 -9.78 -8.87 -17.90
N GLY G 48 -9.78 -7.55 -18.02
CA GLY G 48 -10.98 -6.81 -18.42
C GLY G 48 -11.11 -6.80 -19.92
N SER G 49 -12.33 -6.52 -20.41
CA SER G 49 -12.61 -6.48 -21.85
C SER G 49 -11.78 -5.39 -22.52
N ALA G 50 -11.64 -4.22 -21.86
CA ALA G 50 -10.85 -3.11 -22.38
C ALA G 50 -9.35 -3.43 -22.38
N HIS G 51 -8.90 -4.26 -21.43
CA HIS G 51 -7.51 -4.70 -21.39
C HIS G 51 -7.22 -5.65 -22.57
N ASN G 52 -8.21 -6.46 -22.99
CA ASN G 52 -8.04 -7.36 -24.12
C ASN G 52 -8.01 -6.64 -25.50
N CYS G 53 -7.83 -5.31 -25.47
CA CYS G 53 -7.73 -4.39 -26.61
C CYS G 53 -6.43 -3.63 -26.42
N GLY G 54 -5.62 -3.56 -27.46
CA GLY G 54 -4.37 -2.79 -27.40
C GLY G 54 -4.54 -1.33 -27.77
N GLN G 55 -5.80 -0.87 -27.98
CA GLN G 55 -6.09 0.49 -28.42
C GLN G 55 -6.66 1.42 -27.33
N LEU G 56 -7.47 0.91 -26.37
CA LEU G 56 -7.96 1.77 -25.29
C LEU G 56 -6.85 1.88 -24.24
N LYS G 57 -6.32 3.10 -24.04
CA LYS G 57 -5.20 3.35 -23.14
C LYS G 57 -5.54 4.27 -21.98
N VAL G 58 -4.71 4.28 -20.92
CA VAL G 58 -4.91 5.17 -19.79
C VAL G 58 -4.63 6.61 -20.20
N GLY G 59 -5.38 7.53 -19.62
CA GLY G 59 -5.27 8.94 -19.96
C GLY G 59 -6.23 9.38 -21.06
N HIS G 60 -6.91 8.42 -21.71
CA HIS G 60 -7.88 8.66 -22.77
C HIS G 60 -9.11 9.37 -22.21
N VAL G 61 -9.54 10.45 -22.86
CA VAL G 61 -10.71 11.19 -22.44
C VAL G 61 -11.90 10.76 -23.28
N ILE G 62 -12.90 10.14 -22.66
CA ILE G 62 -14.07 9.66 -23.38
C ILE G 62 -15.04 10.82 -23.67
N LEU G 63 -15.23 11.12 -24.94
CA LEU G 63 -16.12 12.18 -25.40
C LEU G 63 -17.52 11.61 -25.62
N GLU G 64 -17.62 10.46 -26.32
CA GLU G 64 -18.89 9.82 -26.63
C GLU G 64 -18.87 8.33 -26.34
N VAL G 65 -20.01 7.80 -25.90
CA VAL G 65 -20.16 6.38 -25.64
C VAL G 65 -21.39 5.92 -26.40
N ASN G 66 -21.20 5.08 -27.42
CA ASN G 66 -22.25 4.56 -28.31
C ASN G 66 -23.02 5.67 -29.05
N GLY G 67 -22.39 6.82 -29.23
CA GLY G 67 -22.99 7.96 -29.90
C GLY G 67 -23.46 9.06 -28.95
N GLN G 68 -23.63 8.72 -27.65
CA GLN G 68 -24.08 9.68 -26.65
C GLN G 68 -22.93 10.49 -26.12
N THR G 69 -23.03 11.82 -26.15
CA THR G 69 -21.95 12.66 -25.61
C THR G 69 -21.99 12.72 -24.09
N LEU G 70 -20.81 12.69 -23.47
CA LEU G 70 -20.66 12.80 -22.03
C LEU G 70 -20.41 14.25 -21.57
N ARG G 71 -20.48 15.23 -22.50
CA ARG G 71 -20.30 16.65 -22.21
C ARG G 71 -21.53 17.14 -21.46
N GLY G 72 -21.34 17.63 -20.24
CA GLY G 72 -22.44 18.12 -19.43
C GLY G 72 -23.02 17.11 -18.47
N LYS G 73 -22.60 15.84 -18.58
CA LYS G 73 -23.10 14.77 -17.71
C LYS G 73 -22.25 14.70 -16.45
N GLU G 74 -22.90 14.65 -15.28
CA GLU G 74 -22.25 14.53 -13.98
C GLU G 74 -21.75 13.07 -13.83
N HIS G 75 -20.75 12.84 -12.97
CA HIS G 75 -20.19 11.50 -12.76
C HIS G 75 -21.22 10.40 -12.53
N LYS G 76 -22.11 10.58 -11.54
CA LYS G 76 -23.17 9.63 -11.21
C LYS G 76 -24.03 9.27 -12.43
N GLU G 77 -24.09 10.16 -13.43
CA GLU G 77 -24.83 9.98 -14.67
C GLU G 77 -23.95 9.40 -15.78
N ALA G 78 -22.71 9.87 -15.94
CA ALA G 78 -21.77 9.38 -16.95
C ALA G 78 -21.42 7.91 -16.71
N ALA G 79 -21.27 7.52 -15.44
CA ALA G 79 -20.99 6.14 -15.06
C ALA G 79 -22.18 5.23 -15.35
N ARG G 80 -23.41 5.76 -15.15
CA ARG G 80 -24.65 5.05 -15.41
C ARG G 80 -24.76 4.69 -16.90
N ILE G 81 -24.36 5.60 -17.81
CA ILE G 81 -24.40 5.37 -19.26
C ILE G 81 -23.47 4.23 -19.66
N ILE G 82 -22.22 4.25 -19.17
CA ILE G 82 -21.21 3.25 -19.49
C ILE G 82 -21.57 1.88 -18.93
N ALA G 83 -22.06 1.82 -17.70
CA ALA G 83 -22.45 0.56 -17.07
C ALA G 83 -23.60 -0.10 -17.80
N GLU G 84 -24.58 0.70 -18.25
CA GLU G 84 -25.72 0.18 -18.97
C GLU G 84 -25.34 -0.23 -20.39
N ALA G 85 -24.40 0.49 -21.02
CA ALA G 85 -23.91 0.16 -22.36
C ALA G 85 -23.14 -1.16 -22.39
N PHE G 86 -22.61 -1.61 -21.24
CA PHE G 86 -21.89 -2.87 -21.15
C PHE G 86 -22.83 -4.03 -20.80
N LYS G 87 -23.85 -3.77 -19.98
CA LYS G 87 -24.79 -4.80 -19.56
C LYS G 87 -25.75 -5.27 -20.64
N THR G 88 -26.27 -4.34 -21.47
CA THR G 88 -27.27 -4.71 -22.49
C THR G 88 -26.76 -5.70 -23.54
N LYS G 89 -27.69 -6.45 -24.10
CA LYS G 89 -27.43 -7.43 -25.16
C LYS G 89 -27.67 -6.85 -26.56
N GLU G 90 -28.33 -5.67 -26.65
CA GLU G 90 -28.69 -4.99 -27.90
C GLU G 90 -27.50 -4.70 -28.80
N ARG G 91 -26.37 -4.27 -28.21
CA ARG G 91 -25.18 -3.96 -29.00
C ARG G 91 -24.16 -5.09 -29.05
N ASP G 92 -23.74 -5.60 -27.87
CA ASP G 92 -22.71 -6.62 -27.61
C ASP G 92 -21.29 -6.11 -27.98
N TYR G 93 -21.08 -4.80 -27.76
CA TYR G 93 -19.85 -4.01 -27.91
C TYR G 93 -20.09 -2.59 -27.34
N ILE G 94 -19.01 -1.80 -27.14
CA ILE G 94 -19.16 -0.40 -26.75
C ILE G 94 -18.26 0.48 -27.60
N ASP G 95 -18.86 1.34 -28.41
CA ASP G 95 -18.10 2.31 -29.18
C ASP G 95 -17.71 3.45 -28.26
N PHE G 96 -16.42 3.84 -28.26
CA PHE G 96 -15.96 4.96 -27.44
C PHE G 96 -15.23 5.95 -28.32
N LEU G 97 -15.63 7.22 -28.28
CA LEU G 97 -14.90 8.24 -29.03
C LEU G 97 -13.93 8.84 -28.03
N VAL G 98 -12.64 8.51 -28.12
CA VAL G 98 -11.65 8.97 -27.17
C VAL G 98 -10.61 9.94 -27.77
N THR G 99 -9.92 10.70 -26.91
CA THR G 99 -8.89 11.67 -27.31
C THR G 99 -7.81 11.84 -26.21
N GLU G 100 -6.72 12.60 -26.48
CA GLU G 100 -5.70 12.88 -25.48
C GLU G 100 -5.87 14.31 -24.96
N PRO H 1 -20.83 16.85 6.42
CA PRO H 1 -20.90 17.80 5.30
C PRO H 1 -19.53 18.24 4.80
N LYS H 2 -18.62 17.27 4.56
CA LYS H 2 -17.26 17.53 4.06
C LYS H 2 -17.35 18.22 2.69
N GLU H 3 -18.25 17.71 1.81
CA GLU H 3 -18.60 18.23 0.50
C GLU H 3 -17.47 18.25 -0.56
N TYR H 4 -16.34 17.55 -0.33
CA TYR H 4 -15.26 17.54 -1.30
C TYR H 4 -15.30 16.30 -2.21
N ASP H 5 -14.67 16.38 -3.39
CA ASP H 5 -14.73 15.28 -4.34
C ASP H 5 -13.40 14.86 -4.93
N ASP H 6 -13.33 13.56 -5.16
CA ASP H 6 -12.29 12.72 -5.76
C ASP H 6 -12.93 11.81 -6.81
N GLU H 7 -14.12 11.29 -6.49
CA GLU H 7 -15.06 10.56 -7.34
C GLU H 7 -14.49 9.53 -8.33
N LEU H 8 -14.23 8.30 -7.87
CA LEU H 8 -13.76 7.28 -8.82
C LEU H 8 -14.75 6.14 -9.02
N THR H 9 -14.92 5.70 -10.28
CA THR H 9 -15.85 4.63 -10.63
C THR H 9 -15.16 3.47 -11.33
N PHE H 10 -15.32 2.24 -10.81
CA PHE H 10 -14.71 1.07 -11.39
C PHE H 10 -15.73 0.23 -12.17
N PHE H 11 -15.32 -0.31 -13.31
CA PHE H 11 -16.13 -1.17 -14.17
C PHE H 11 -15.47 -2.54 -14.32
N THR I 11 0.65 22.99 25.50
CA THR I 11 1.58 24.11 25.41
C THR I 11 2.81 23.78 24.49
N SER I 12 3.71 24.78 24.29
CA SER I 12 4.94 24.67 23.50
C SER I 12 5.90 23.62 24.09
N THR I 13 6.85 23.15 23.29
CA THR I 13 7.82 22.15 23.69
C THR I 13 9.14 22.45 23.00
N LEU I 14 10.24 22.51 23.76
CA LEU I 14 11.55 22.79 23.17
C LEU I 14 12.27 21.51 22.79
N VAL I 15 12.66 21.40 21.52
CA VAL I 15 13.35 20.25 20.96
C VAL I 15 14.78 20.61 20.60
N ARG I 16 15.76 20.02 21.29
CA ARG I 16 17.16 20.29 21.00
C ARG I 16 17.72 19.19 20.10
N VAL I 17 18.06 19.55 18.85
CA VAL I 17 18.59 18.63 17.86
C VAL I 17 20.13 18.76 17.80
N ARG I 18 20.87 17.68 17.50
CA ARG I 18 22.32 17.74 17.42
C ARG I 18 22.83 17.60 15.97
N LYS I 19 23.70 18.52 15.54
CA LYS I 19 24.23 18.60 14.17
C LYS I 19 25.38 17.60 13.80
N SER I 20 25.19 16.30 14.05
CA SER I 20 26.23 15.31 13.69
C SER I 20 26.08 14.73 12.27
N ALA I 21 25.04 15.11 11.54
CA ALA I 21 24.78 14.60 10.20
C ALA I 21 24.97 15.71 9.11
N ALA I 22 25.02 15.33 7.82
CA ALA I 22 25.22 16.28 6.72
C ALA I 22 24.02 17.24 6.49
N THR I 23 22.80 16.78 6.75
CA THR I 23 21.61 17.62 6.54
C THR I 23 20.59 17.51 7.68
N LEU I 24 19.65 18.47 7.75
CA LEU I 24 18.59 18.46 8.75
C LEU I 24 17.47 17.47 8.32
N GLY I 25 17.25 17.33 7.02
CA GLY I 25 16.25 16.42 6.47
C GLY I 25 14.85 16.72 6.95
N ILE I 26 14.36 17.91 6.61
CA ILE I 26 13.03 18.39 7.00
C ILE I 26 12.41 19.18 5.84
N ALA I 27 11.07 19.22 5.76
CA ALA I 27 10.39 20.04 4.78
C ALA I 27 9.37 20.89 5.51
N ILE I 28 9.35 22.20 5.25
CA ILE I 28 8.42 23.08 5.94
C ILE I 28 7.51 23.84 4.99
N GLU I 29 6.30 24.16 5.43
CA GLU I 29 5.33 24.91 4.65
C GLU I 29 4.83 26.11 5.47
N GLY I 30 4.40 27.14 4.77
CA GLY I 30 3.83 28.31 5.42
C GLY I 30 4.78 29.38 5.88
N GLY I 31 4.18 30.45 6.38
CA GLY I 31 4.82 31.67 6.86
C GLY I 31 3.84 32.82 6.77
N ALA I 32 4.35 34.05 6.58
CA ALA I 32 3.44 35.21 6.47
C ALA I 32 2.75 35.22 5.11
N ASN I 33 1.51 35.72 5.09
CA ASN I 33 0.65 35.85 3.90
C ASN I 33 0.29 34.50 3.24
N THR I 34 0.51 33.38 3.95
CA THR I 34 0.14 32.05 3.45
C THR I 34 -0.95 31.43 4.35
N ARG I 35 -1.61 30.36 3.88
CA ARG I 35 -2.67 29.69 4.64
C ARG I 35 -2.23 29.22 6.03
N GLN I 36 -0.95 28.86 6.19
CA GLN I 36 -0.42 28.45 7.48
C GLN I 36 0.51 29.54 8.00
N PRO I 37 0.03 30.40 8.92
CA PRO I 37 0.84 31.53 9.39
C PRO I 37 2.22 31.21 9.96
N LEU I 38 2.41 30.03 10.56
CA LEU I 38 3.72 29.66 11.11
C LEU I 38 4.28 28.43 10.37
N PRO I 39 5.61 28.35 10.19
CA PRO I 39 6.18 27.21 9.45
C PRO I 39 5.84 25.86 10.09
N ARG I 40 5.24 24.96 9.30
CA ARG I 40 4.82 23.65 9.77
C ARG I 40 5.61 22.54 9.06
N ILE I 41 6.11 21.56 9.81
CA ILE I 41 6.86 20.44 9.23
C ILE I 41 5.90 19.49 8.49
N VAL I 42 6.21 19.16 7.23
CA VAL I 42 5.38 18.27 6.45
C VAL I 42 6.05 16.91 6.22
N THR I 43 7.39 16.90 6.05
CA THR I 43 8.15 15.66 5.88
C THR I 43 9.40 15.64 6.72
N ILE I 44 9.78 14.46 7.19
CA ILE I 44 10.95 14.27 8.02
C ILE I 44 11.78 13.07 7.55
N GLN I 45 13.03 13.32 7.18
CA GLN I 45 13.92 12.25 6.74
C GLN I 45 14.73 11.75 7.92
N ARG I 46 14.92 10.42 7.99
CA ARG I 46 15.65 9.76 9.05
C ARG I 46 16.57 8.69 8.47
N GLY I 47 17.85 8.76 8.79
CA GLY I 47 18.80 7.71 8.42
C GLY I 47 19.58 7.82 7.12
N GLY I 48 19.22 8.77 6.28
CA GLY I 48 19.91 8.94 5.01
C GLY I 48 21.09 9.86 5.19
N SER I 49 20.83 11.15 5.06
CA SER I 49 21.82 12.20 5.29
C SER I 49 21.49 13.03 6.56
N ALA I 50 20.40 12.69 7.29
CA ALA I 50 19.93 13.33 8.51
C ALA I 50 19.94 12.34 9.70
N HIS I 51 19.99 12.86 10.92
CA HIS I 51 20.03 12.03 12.12
C HIS I 51 18.70 11.35 12.45
N ASN I 52 18.76 10.11 12.98
CA ASN I 52 17.59 9.35 13.40
C ASN I 52 17.14 9.87 14.80
N CYS I 53 16.47 11.02 14.84
CA CYS I 53 15.99 11.61 16.09
C CYS I 53 14.46 11.58 16.09
N GLY I 54 13.87 10.96 17.10
CA GLY I 54 12.41 10.86 17.19
C GLY I 54 11.70 12.00 17.90
N GLN I 55 12.46 12.99 18.41
CA GLN I 55 11.89 14.12 19.15
C GLN I 55 11.04 15.05 18.29
N LEU I 56 11.48 15.31 17.07
CA LEU I 56 10.80 16.20 16.14
C LEU I 56 9.89 15.36 15.22
N LYS I 57 8.59 15.69 15.17
CA LYS I 57 7.61 14.93 14.39
C LYS I 57 6.93 15.78 13.30
N VAL I 58 6.30 15.12 12.32
CA VAL I 58 5.58 15.82 11.27
C VAL I 58 4.31 16.47 11.85
N GLY I 59 3.95 17.62 11.32
CA GLY I 59 2.81 18.37 11.83
C GLY I 59 3.18 19.39 12.89
N HIS I 60 4.44 19.36 13.38
CA HIS I 60 4.95 20.28 14.38
C HIS I 60 5.06 21.68 13.80
N VAL I 61 4.53 22.67 14.52
CA VAL I 61 4.57 24.05 14.08
C VAL I 61 5.73 24.75 14.78
N ILE I 62 6.74 25.18 14.02
CA ILE I 62 7.91 25.83 14.61
C ILE I 62 7.61 27.28 14.94
N LEU I 63 7.65 27.62 16.23
CA LEU I 63 7.40 28.97 16.72
C LEU I 63 8.71 29.74 16.77
N GLU I 64 9.76 29.12 17.34
CA GLU I 64 11.07 29.74 17.49
C GLU I 64 12.22 28.84 17.03
N VAL I 65 13.28 29.45 16.46
CA VAL I 65 14.51 28.81 15.99
C VAL I 65 15.69 29.46 16.70
N ASN I 66 16.31 28.74 17.67
CA ASN I 66 17.43 29.23 18.47
C ASN I 66 17.10 30.51 19.26
N GLY I 67 15.82 30.70 19.57
CA GLY I 67 15.36 31.88 20.29
C GLY I 67 14.65 32.90 19.43
N GLN I 68 14.89 32.86 18.10
CA GLN I 68 14.28 33.81 17.17
C GLN I 68 12.89 33.37 16.79
N THR I 69 11.90 34.26 16.92
CA THR I 69 10.52 33.91 16.55
C THR I 69 10.31 33.98 15.04
N LEU I 70 9.54 33.02 14.52
CA LEU I 70 9.19 32.97 13.11
C LEU I 70 7.83 33.64 12.82
N ARG I 71 7.23 34.31 13.83
CA ARG I 71 5.96 35.02 13.68
C ARG I 71 6.22 36.29 12.88
N GLY I 72 5.55 36.42 11.75
CA GLY I 72 5.72 37.57 10.88
C GLY I 72 6.72 37.39 9.76
N LYS I 73 7.51 36.31 9.81
CA LYS I 73 8.51 36.02 8.79
C LYS I 73 7.83 35.21 7.68
N GLU I 74 7.82 35.69 6.43
CA GLU I 74 7.23 34.91 5.35
C GLU I 74 8.14 33.74 5.00
N HIS I 75 7.57 32.71 4.37
CA HIS I 75 8.21 31.45 4.02
C HIS I 75 9.70 31.52 3.61
N LYS I 76 10.06 32.42 2.68
CA LYS I 76 11.43 32.54 2.20
C LYS I 76 12.41 33.04 3.26
N GLU I 77 11.92 33.86 4.19
CA GLU I 77 12.75 34.41 5.26
C GLU I 77 12.92 33.41 6.38
N ALA I 78 11.85 32.68 6.73
CA ALA I 78 11.90 31.67 7.79
C ALA I 78 12.83 30.52 7.39
N ALA I 79 12.84 30.15 6.09
CA ALA I 79 13.73 29.11 5.57
C ALA I 79 15.20 29.54 5.67
N ARG I 80 15.46 30.84 5.44
CA ARG I 80 16.78 31.45 5.52
C ARG I 80 17.33 31.35 6.95
N ILE I 81 16.47 31.55 7.97
CA ILE I 81 16.86 31.47 9.38
C ILE I 81 17.28 30.05 9.76
N ILE I 82 16.49 29.04 9.39
CA ILE I 82 16.81 27.65 9.70
C ILE I 82 18.07 27.19 9.00
N ALA I 83 18.21 27.49 7.70
CA ALA I 83 19.40 27.10 6.95
C ALA I 83 20.68 27.68 7.56
N GLU I 84 20.63 28.93 8.01
CA GLU I 84 21.78 29.57 8.64
C GLU I 84 22.05 29.00 10.03
N ALA I 85 20.98 28.61 10.76
CA ALA I 85 21.11 28.00 12.08
C ALA I 85 21.76 26.61 12.03
N PHE I 86 21.73 25.93 10.88
CA PHE I 86 22.36 24.63 10.71
C PHE I 86 23.80 24.80 10.21
N LYS I 87 24.05 25.79 9.35
CA LYS I 87 25.39 25.99 8.77
C LYS I 87 26.42 26.47 9.78
N THR I 88 25.98 27.14 10.85
CA THR I 88 26.82 27.67 11.92
C THR I 88 27.82 26.64 12.45
N LYS I 89 29.11 26.97 12.39
CA LYS I 89 30.15 26.07 12.87
C LYS I 89 30.28 26.11 14.41
N GLU I 90 30.03 27.29 15.00
CA GLU I 90 30.13 27.57 16.43
C GLU I 90 29.16 26.76 17.29
N ARG I 91 27.96 26.48 16.79
CA ARG I 91 26.97 25.72 17.56
C ARG I 91 27.07 24.23 17.31
N ASP I 92 26.97 23.44 18.39
CA ASP I 92 26.94 21.98 18.30
C ASP I 92 25.47 21.50 18.47
N TYR I 93 24.48 22.34 18.05
CA TYR I 93 23.06 22.10 18.28
C TYR I 93 22.16 23.08 17.51
N ILE I 94 20.87 22.74 17.43
CA ILE I 94 19.84 23.60 16.88
C ILE I 94 18.55 23.37 17.67
N ASP I 95 18.03 24.42 18.30
CA ASP I 95 16.83 24.32 19.15
C ASP I 95 15.59 24.81 18.43
N PHE I 96 14.48 24.08 18.59
CA PHE I 96 13.23 24.46 17.96
C PHE I 96 12.12 24.48 18.99
N LEU I 97 11.39 25.58 19.13
CA LEU I 97 10.24 25.61 20.02
C LEU I 97 9.06 25.21 19.16
N VAL I 98 8.55 23.97 19.31
CA VAL I 98 7.47 23.48 18.48
C VAL I 98 6.16 23.23 19.25
N THR I 99 5.04 23.14 18.52
CA THR I 99 3.72 22.90 19.09
C THR I 99 2.81 22.09 18.13
N GLU I 100 1.64 21.60 18.61
CA GLU I 100 0.71 20.86 17.76
C GLU I 100 -0.25 21.83 17.06
N GLU J 7 6.22 27.38 -2.39
CA GLU J 7 5.16 26.95 -1.48
C GLU J 7 5.73 26.23 -0.28
N LEU J 8 6.66 25.28 -0.51
CA LEU J 8 7.29 24.52 0.56
C LEU J 8 8.81 24.38 0.35
N THR J 9 9.58 24.38 1.44
CA THR J 9 11.03 24.32 1.36
C THR J 9 11.60 23.02 1.95
N PHE J 10 12.52 22.37 1.21
CA PHE J 10 13.14 21.14 1.65
C PHE J 10 14.58 21.40 2.12
N PHE J 11 14.99 20.71 3.17
CA PHE J 11 16.33 20.86 3.74
C PHE J 11 17.11 19.54 3.68
N THR K 11 -14.20 -20.13 -3.27
CA THR K 11 -14.45 -20.04 -1.83
C THR K 11 -14.95 -18.65 -1.43
N SER K 12 -15.71 -18.58 -0.34
CA SER K 12 -16.29 -17.34 0.14
C SER K 12 -15.31 -16.46 0.93
N THR K 13 -15.60 -15.15 1.02
CA THR K 13 -14.78 -14.18 1.74
C THR K 13 -15.69 -13.11 2.32
N LEU K 14 -15.54 -12.79 3.62
CA LEU K 14 -16.37 -11.78 4.25
C LEU K 14 -15.73 -10.39 4.16
N VAL K 15 -16.46 -9.43 3.59
CA VAL K 15 -16.01 -8.05 3.44
C VAL K 15 -16.88 -7.11 4.26
N ARG K 16 -16.26 -6.37 5.18
CA ARG K 16 -16.97 -5.41 6.01
C ARG K 16 -16.87 -4.02 5.40
N VAL K 17 -18.00 -3.34 5.24
CA VAL K 17 -18.04 -1.99 4.70
C VAL K 17 -18.67 -1.05 5.77
N ARG K 18 -18.05 0.10 6.14
CA ARG K 18 -18.70 0.96 7.15
C ARG K 18 -19.73 1.94 6.56
N LYS K 19 -20.88 2.07 7.25
CA LYS K 19 -21.99 2.94 6.89
C LYS K 19 -21.69 4.43 7.06
N SER K 20 -20.43 4.82 7.24
CA SER K 20 -19.99 6.20 7.52
C SER K 20 -20.59 7.29 6.62
N ALA K 21 -20.41 7.21 5.28
CA ALA K 21 -20.85 8.29 4.41
C ALA K 21 -22.29 8.13 3.82
N ALA K 22 -22.79 9.14 3.02
CA ALA K 22 -24.13 9.26 2.46
C ALA K 22 -24.68 8.01 1.73
N THR K 23 -24.00 7.50 0.68
CA THR K 23 -24.54 6.36 -0.07
C THR K 23 -23.54 5.23 -0.24
N LEU K 24 -24.04 4.03 -0.59
CA LEU K 24 -23.19 2.86 -0.77
C LEU K 24 -22.18 2.96 -1.91
N GLY K 25 -22.65 3.37 -3.08
CA GLY K 25 -21.79 3.46 -4.25
C GLY K 25 -21.52 2.13 -4.92
N ILE K 26 -22.54 1.27 -5.05
CA ILE K 26 -22.40 0.00 -5.78
C ILE K 26 -23.61 -0.21 -6.71
N ALA K 27 -23.47 -1.06 -7.73
CA ALA K 27 -24.56 -1.41 -8.62
C ALA K 27 -24.59 -2.91 -8.73
N ILE K 28 -25.78 -3.52 -8.59
CA ILE K 28 -25.87 -4.97 -8.64
C ILE K 28 -26.84 -5.45 -9.70
N GLU K 29 -26.56 -6.63 -10.26
CA GLU K 29 -27.40 -7.27 -11.27
C GLU K 29 -27.76 -8.69 -10.84
N GLY K 30 -28.89 -9.17 -11.32
CA GLY K 30 -29.31 -10.53 -11.03
C GLY K 30 -30.06 -10.78 -9.74
N GLY K 31 -30.31 -12.05 -9.51
CA GLY K 31 -31.04 -12.62 -8.37
C GLY K 31 -31.90 -13.77 -8.86
N ALA K 32 -32.95 -14.11 -8.11
CA ALA K 32 -33.87 -15.17 -8.55
C ALA K 32 -34.65 -14.64 -9.76
N ASN K 33 -34.91 -15.50 -10.73
CA ASN K 33 -35.59 -15.13 -11.97
C ASN K 33 -34.74 -14.13 -12.77
N THR K 34 -33.48 -14.51 -13.01
CA THR K 34 -32.49 -13.73 -13.77
C THR K 34 -31.41 -14.67 -14.32
N ARG K 35 -30.70 -14.27 -15.38
CA ARG K 35 -29.60 -15.07 -15.94
C ARG K 35 -28.42 -15.23 -14.94
N GLN K 36 -28.30 -14.30 -13.99
CA GLN K 36 -27.30 -14.30 -12.92
C GLN K 36 -28.06 -14.65 -11.64
N PRO K 37 -28.06 -15.93 -11.22
CA PRO K 37 -28.85 -16.33 -10.03
C PRO K 37 -28.57 -15.60 -8.72
N LEU K 38 -27.36 -15.10 -8.50
CA LEU K 38 -27.03 -14.37 -7.28
C LEU K 38 -26.63 -12.94 -7.62
N PRO K 39 -26.96 -11.95 -6.76
CA PRO K 39 -26.60 -10.56 -7.08
C PRO K 39 -25.11 -10.35 -7.29
N ARG K 40 -24.72 -9.82 -8.45
CA ARG K 40 -23.33 -9.59 -8.81
C ARG K 40 -23.04 -8.11 -8.95
N ILE K 41 -21.92 -7.64 -8.37
CA ILE K 41 -21.54 -6.24 -8.46
C ILE K 41 -21.02 -5.89 -9.86
N VAL K 42 -21.57 -4.84 -10.48
CA VAL K 42 -21.15 -4.44 -11.81
C VAL K 42 -20.36 -3.13 -11.78
N THR K 43 -20.70 -2.20 -10.87
CA THR K 43 -19.96 -0.94 -10.73
C THR K 43 -19.78 -0.56 -9.26
N ILE K 44 -18.74 0.20 -8.96
CA ILE K 44 -18.46 0.70 -7.61
C ILE K 44 -17.97 2.14 -7.70
N GLN K 45 -18.29 2.92 -6.68
CA GLN K 45 -17.88 4.31 -6.59
C GLN K 45 -17.12 4.57 -5.31
N ARG K 46 -16.17 5.49 -5.40
CA ARG K 46 -15.32 5.91 -4.30
C ARG K 46 -15.33 7.45 -4.18
N GLY K 47 -16.40 8.10 -4.62
CA GLY K 47 -16.57 9.55 -4.57
C GLY K 47 -17.27 9.98 -3.31
N GLY K 48 -18.28 10.87 -3.42
CA GLY K 48 -19.06 11.33 -2.29
C GLY K 48 -20.09 10.31 -1.85
N SER K 49 -19.58 9.15 -1.44
CA SER K 49 -20.35 8.00 -1.06
C SER K 49 -19.44 7.01 -0.41
N ALA K 50 -19.88 6.45 0.75
CA ALA K 50 -19.13 5.46 1.54
C ALA K 50 -17.63 5.98 1.77
N HIS K 51 -16.56 5.16 1.68
CA HIS K 51 -15.22 5.63 1.76
C HIS K 51 -14.76 6.05 0.34
N ASN K 52 -13.47 6.28 0.19
CA ASN K 52 -12.82 6.50 -1.09
C ASN K 52 -12.15 5.15 -1.54
N CYS K 53 -12.38 4.03 -0.82
CA CYS K 53 -11.70 2.78 -1.08
C CYS K 53 -12.39 1.61 -0.39
N GLY K 54 -11.85 0.42 -0.61
CA GLY K 54 -12.38 -0.80 -0.04
C GLY K 54 -11.81 -2.02 -0.69
N GLN K 55 -12.10 -3.16 -0.11
CA GLN K 55 -11.66 -4.46 -0.62
C GLN K 55 -12.70 -5.10 -1.57
N LEU K 56 -13.94 -4.59 -1.56
CA LEU K 56 -15.07 -5.02 -2.39
C LEU K 56 -14.76 -4.63 -3.83
N LYS K 57 -14.76 -5.60 -4.75
CA LYS K 57 -14.42 -5.37 -6.15
C LYS K 57 -15.56 -5.71 -7.11
N VAL K 58 -15.46 -5.23 -8.37
CA VAL K 58 -16.48 -5.55 -9.37
C VAL K 58 -16.35 -7.02 -9.77
N GLY K 59 -17.50 -7.62 -10.08
CA GLY K 59 -17.55 -9.03 -10.40
C GLY K 59 -17.83 -9.92 -9.21
N HIS K 60 -17.78 -9.35 -7.99
CA HIS K 60 -18.04 -10.06 -6.74
C HIS K 60 -19.51 -10.47 -6.66
N VAL K 61 -19.76 -11.74 -6.34
CA VAL K 61 -21.11 -12.25 -6.21
C VAL K 61 -21.48 -12.27 -4.74
N ILE K 62 -22.48 -11.48 -4.35
CA ILE K 62 -22.91 -11.41 -2.95
C ILE K 62 -23.79 -12.60 -2.60
N LEU K 63 -23.32 -13.45 -1.69
CA LEU K 63 -24.05 -14.63 -1.23
C LEU K 63 -24.90 -14.26 -0.02
N GLU K 64 -24.32 -13.54 0.96
CA GLU K 64 -25.01 -13.15 2.18
C GLU K 64 -24.78 -11.68 2.52
N VAL K 65 -25.79 -11.06 3.11
CA VAL K 65 -25.70 -9.67 3.56
C VAL K 65 -26.16 -9.62 5.01
N ASN K 66 -25.21 -9.34 5.92
CA ASN K 66 -25.40 -9.32 7.37
C ASN K 66 -25.89 -10.66 7.94
N GLY K 67 -25.59 -11.76 7.24
CA GLY K 67 -26.01 -13.10 7.65
C GLY K 67 -27.17 -13.66 6.84
N GLN K 68 -27.94 -12.78 6.17
CA GLN K 68 -29.10 -13.19 5.37
C GLN K 68 -28.68 -13.63 3.99
N THR K 69 -29.07 -14.84 3.56
CA THR K 69 -28.72 -15.31 2.23
C THR K 69 -29.59 -14.71 1.15
N LEU K 70 -28.97 -14.37 0.02
CA LEU K 70 -29.67 -13.81 -1.14
C LEU K 70 -30.07 -14.89 -2.16
N ARG K 71 -29.88 -16.18 -1.83
CA ARG K 71 -30.25 -17.30 -2.68
C ARG K 71 -31.76 -17.44 -2.66
N GLY K 72 -32.39 -17.35 -3.83
CA GLY K 72 -33.83 -17.46 -3.95
C GLY K 72 -34.58 -16.13 -3.89
N LYS K 73 -33.87 -15.03 -3.58
CA LYS K 73 -34.48 -13.70 -3.50
C LYS K 73 -34.34 -13.00 -4.84
N GLU K 74 -35.46 -12.50 -5.40
CA GLU K 74 -35.49 -11.79 -6.69
C GLU K 74 -34.63 -10.52 -6.72
N HIS K 75 -34.41 -9.92 -7.90
CA HIS K 75 -33.61 -8.71 -8.03
C HIS K 75 -34.18 -7.54 -7.21
N LYS K 76 -35.52 -7.40 -7.17
CA LYS K 76 -36.17 -6.33 -6.39
C LYS K 76 -36.06 -6.62 -4.90
N GLU K 77 -36.27 -7.89 -4.52
CA GLU K 77 -36.20 -8.35 -3.14
C GLU K 77 -34.80 -8.16 -2.55
N ALA K 78 -33.75 -8.56 -3.29
CA ALA K 78 -32.36 -8.46 -2.86
C ALA K 78 -31.86 -7.03 -2.71
N ALA K 79 -32.24 -6.13 -3.62
CA ALA K 79 -31.86 -4.70 -3.55
C ALA K 79 -32.34 -4.08 -2.24
N ARG K 80 -33.53 -4.48 -1.78
CA ARG K 80 -34.11 -4.02 -0.54
C ARG K 80 -33.42 -4.60 0.70
N ILE K 81 -32.82 -5.80 0.58
CA ILE K 81 -32.10 -6.40 1.71
C ILE K 81 -30.80 -5.62 1.96
N ILE K 82 -30.15 -5.14 0.90
CA ILE K 82 -28.93 -4.35 1.02
C ILE K 82 -29.26 -2.90 1.39
N ALA K 83 -30.39 -2.36 0.87
CA ALA K 83 -30.84 -1.01 1.17
C ALA K 83 -31.28 -0.89 2.63
N GLU K 84 -31.97 -1.91 3.15
CA GLU K 84 -32.42 -1.97 4.54
C GLU K 84 -31.20 -1.96 5.47
N ALA K 85 -30.15 -2.70 5.10
CA ALA K 85 -28.93 -2.85 5.87
C ALA K 85 -28.05 -1.61 5.88
N PHE K 86 -28.17 -0.73 4.87
CA PHE K 86 -27.37 0.49 4.83
C PHE K 86 -28.09 1.65 5.50
N LYS K 87 -29.42 1.71 5.38
CA LYS K 87 -30.19 2.81 5.98
C LYS K 87 -30.24 2.74 7.52
N THR K 88 -30.11 1.53 8.08
CA THR K 88 -30.13 1.31 9.53
C THR K 88 -28.93 1.98 10.23
N LYS K 89 -29.12 2.45 11.46
CA LYS K 89 -28.06 3.12 12.21
C LYS K 89 -27.67 2.38 13.51
N GLU K 90 -28.16 1.15 13.71
CA GLU K 90 -27.85 0.32 14.87
C GLU K 90 -26.44 -0.25 14.78
N ARG K 91 -26.05 -0.75 13.59
CA ARG K 91 -24.73 -1.30 13.31
C ARG K 91 -23.84 -0.21 12.73
N ASP K 92 -22.54 -0.39 12.88
CA ASP K 92 -21.55 0.52 12.32
C ASP K 92 -21.13 0.05 10.92
N TYR K 93 -21.03 -1.27 10.72
CA TYR K 93 -20.61 -1.88 9.45
C TYR K 93 -21.68 -2.79 8.83
N ILE K 94 -21.56 -3.06 7.54
CA ILE K 94 -22.45 -3.94 6.79
C ILE K 94 -21.56 -5.07 6.26
N ASP K 95 -21.89 -6.30 6.65
CA ASP K 95 -21.09 -7.48 6.29
C ASP K 95 -21.58 -8.10 4.99
N PHE K 96 -20.66 -8.41 4.09
CA PHE K 96 -21.01 -9.03 2.82
C PHE K 96 -20.20 -10.30 2.63
N LEU K 97 -20.86 -11.44 2.37
CA LEU K 97 -20.12 -12.66 2.07
C LEU K 97 -20.04 -12.73 0.56
N VAL K 98 -18.88 -12.42 -0.03
CA VAL K 98 -18.73 -12.39 -1.48
C VAL K 98 -17.81 -13.50 -2.03
N THR K 99 -17.92 -13.78 -3.33
CA THR K 99 -17.11 -14.78 -4.03
C THR K 99 -16.82 -14.37 -5.49
N GLU K 100 -15.78 -14.95 -6.11
CA GLU K 100 -15.41 -14.57 -7.48
C GLU K 100 -15.23 -15.80 -8.38
N GLU L 7 -33.64 -3.86 -13.79
CA GLU L 7 -32.72 -4.97 -14.08
C GLU L 7 -31.33 -4.74 -13.50
N LEU L 8 -30.93 -3.46 -13.33
CA LEU L 8 -29.63 -3.09 -12.77
C LEU L 8 -29.88 -1.96 -11.76
N THR L 9 -29.80 -2.27 -10.45
CA THR L 9 -30.08 -1.32 -9.37
C THR L 9 -28.82 -0.59 -8.88
N PHE L 10 -28.92 0.74 -8.73
CA PHE L 10 -27.81 1.57 -8.26
C PHE L 10 -28.02 1.98 -6.82
N PHE L 11 -26.94 2.02 -6.03
CA PHE L 11 -27.02 2.38 -4.62
C PHE L 11 -26.20 3.63 -4.31
#